data_1UAY
#
_entry.id   1UAY
#
_cell.length_a   78.930
_cell.length_b   94.871
_cell.length_c   113.529
_cell.angle_alpha   90.00
_cell.angle_beta   90.00
_cell.angle_gamma   90.00
#
_symmetry.space_group_name_H-M   'C 2 2 21'
#
loop_
_entity.id
_entity.type
_entity.pdbx_description
1 polymer 'Type II 3-hydroxyacyl-CoA dehydrogenase'
2 non-polymer ADENOSINE
3 water water
#
_entity_poly.entity_id   1
_entity_poly.type   'polypeptide(L)'
_entity_poly.pdbx_seq_one_letter_code
;MERSALVTGGASGLGRAAALALKARGYRVVVLDLRREGEDLIYVEGDVTREEDVRRAVARAQEEAPLFAVVSAAGVGLAE
KILGKEGPHGLESFRRVLEVNLLGTFNVLRLAAWAMRENPPDAEGQRGVIVNTASVAAFEGQIGQAAYAASKGGVVALTL
PAARELAGWGIRVVTVAPGLFDTPLLQGLPEKAKASLAAQVPFPPRLGRPEEYAALVLHILENPMLNGEVVRLDGALRMA
PR
;
_entity_poly.pdbx_strand_id   A,B
#
# COMPACT_ATOMS: atom_id res chain seq x y z
N GLU A 2 -23.83 -4.79 11.08
CA GLU A 2 -24.29 -5.18 9.75
C GLU A 2 -23.45 -6.33 9.20
N ARG A 3 -22.15 -6.30 9.49
CA ARG A 3 -21.23 -7.33 9.01
C ARG A 3 -20.36 -7.84 10.13
N SER A 4 -19.86 -9.06 9.98
CA SER A 4 -18.96 -9.63 10.96
C SER A 4 -17.54 -9.65 10.39
N ALA A 5 -16.57 -9.82 11.25
CA ALA A 5 -15.18 -9.88 10.85
C ALA A 5 -14.50 -10.97 11.66
N LEU A 6 -13.50 -11.60 11.06
CA LEU A 6 -12.73 -12.64 11.72
C LEU A 6 -11.27 -12.21 11.70
N VAL A 7 -10.67 -12.11 12.88
CA VAL A 7 -9.27 -11.71 12.98
C VAL A 7 -8.48 -12.79 13.69
N THR A 8 -7.54 -13.42 12.99
CA THR A 8 -6.73 -14.44 13.62
C THR A 8 -5.55 -13.73 14.26
N GLY A 9 -5.10 -14.22 15.40
CA GLY A 9 -4.00 -13.60 16.11
C GLY A 9 -4.46 -12.36 16.86
N GLY A 10 -5.77 -12.25 17.05
CA GLY A 10 -6.36 -11.10 17.72
C GLY A 10 -6.15 -10.93 19.20
N ALA A 11 -5.44 -11.84 19.84
CA ALA A 11 -5.19 -11.74 21.28
C ALA A 11 -4.13 -10.69 21.59
N SER A 12 -3.29 -10.36 20.61
CA SER A 12 -2.25 -9.38 20.87
C SER A 12 -1.68 -8.73 19.61
N GLY A 13 -0.80 -7.77 19.83
CA GLY A 13 -0.13 -7.07 18.74
C GLY A 13 -0.98 -6.54 17.60
N LEU A 14 -0.55 -6.87 16.38
CA LEU A 14 -1.24 -6.40 15.17
C LEU A 14 -2.67 -6.88 15.06
N GLY A 15 -2.90 -8.17 15.30
CA GLY A 15 -4.24 -8.71 15.23
C GLY A 15 -5.18 -8.03 16.22
N ARG A 16 -4.68 -7.82 17.43
CA ARG A 16 -5.47 -7.17 18.46
C ARG A 16 -5.89 -5.77 18.01
N ALA A 17 -4.94 -5.00 17.48
CA ALA A 17 -5.24 -3.65 17.02
C ALA A 17 -6.28 -3.66 15.91
N ALA A 18 -6.13 -4.59 14.96
CA ALA A 18 -7.08 -4.69 13.86
C ALA A 18 -8.48 -5.04 14.39
N ALA A 19 -8.53 -5.99 15.32
CA ALA A 19 -9.81 -6.39 15.90
C ALA A 19 -10.51 -5.24 16.60
N LEU A 20 -9.77 -4.48 17.40
CA LEU A 20 -10.34 -3.34 18.11
C LEU A 20 -10.80 -2.25 17.15
N ALA A 21 -10.02 -2.01 16.10
CA ALA A 21 -10.38 -0.99 15.12
C ALA A 21 -11.63 -1.39 14.36
N LEU A 22 -11.74 -2.67 14.02
CA LEU A 22 -12.92 -3.16 13.31
C LEU A 22 -14.15 -3.07 14.20
N LYS A 23 -13.98 -3.36 15.49
CA LYS A 23 -15.09 -3.29 16.42
C LYS A 23 -15.59 -1.84 16.51
N ALA A 24 -14.65 -0.90 16.61
CA ALA A 24 -14.99 0.52 16.70
C ALA A 24 -15.68 0.99 15.42
N ARG A 25 -15.36 0.35 14.30
CA ARG A 25 -15.93 0.69 13.01
C ARG A 25 -17.35 0.16 12.86
N GLY A 26 -17.75 -0.76 13.75
CA GLY A 26 -19.09 -1.31 13.69
C GLY A 26 -19.21 -2.77 13.34
N TYR A 27 -18.08 -3.44 13.11
CA TYR A 27 -18.12 -4.86 12.78
C TYR A 27 -18.35 -5.71 14.02
N ARG A 28 -19.00 -6.85 13.83
CA ARG A 28 -19.22 -7.82 14.89
C ARG A 28 -17.97 -8.67 14.76
N VAL A 29 -17.00 -8.44 15.64
CA VAL A 29 -15.71 -9.11 15.57
C VAL A 29 -15.49 -10.39 16.35
N VAL A 30 -14.98 -11.39 15.65
CA VAL A 30 -14.64 -12.67 16.25
C VAL A 30 -13.13 -12.83 16.11
N VAL A 31 -12.48 -13.17 17.22
CA VAL A 31 -11.04 -13.38 17.24
C VAL A 31 -10.75 -14.87 17.33
N LEU A 32 -9.80 -15.34 16.51
CA LEU A 32 -9.37 -16.74 16.57
C LEU A 32 -7.91 -16.62 16.99
N ASP A 33 -7.59 -17.22 18.14
CA ASP A 33 -6.24 -17.15 18.68
C ASP A 33 -6.09 -18.28 19.68
N LEU A 34 -4.85 -18.67 19.96
CA LEU A 34 -4.60 -19.74 20.91
C LEU A 34 -4.99 -19.28 22.32
N ARG A 35 -5.00 -17.96 22.50
CA ARG A 35 -5.33 -17.37 23.79
C ARG A 35 -6.53 -16.44 23.70
N ARG A 36 -7.18 -16.23 24.84
CA ARG A 36 -8.26 -15.30 24.89
C ARG A 36 -7.86 -14.16 25.77
N GLU A 37 -8.48 -13.00 25.63
CA GLU A 37 -8.11 -11.84 26.42
C GLU A 37 -9.35 -11.17 27.01
N GLY A 38 -9.23 -9.92 27.43
CA GLY A 38 -10.35 -9.25 28.05
C GLY A 38 -11.02 -8.08 27.35
N GLU A 39 -10.81 -7.94 26.05
CA GLU A 39 -11.43 -6.84 25.32
C GLU A 39 -12.89 -7.20 25.01
N ASP A 40 -13.64 -6.22 24.52
CA ASP A 40 -15.04 -6.44 24.17
C ASP A 40 -15.09 -7.04 22.77
N LEU A 41 -14.63 -8.28 22.68
CA LEU A 41 -14.57 -9.03 21.43
C LEU A 41 -15.02 -10.46 21.71
N ILE A 42 -15.38 -11.18 20.66
CA ILE A 42 -15.80 -12.57 20.79
C ILE A 42 -14.54 -13.40 20.58
N TYR A 43 -14.14 -14.16 21.59
CA TYR A 43 -12.94 -14.96 21.50
C TYR A 43 -13.19 -16.44 21.26
N VAL A 44 -12.62 -16.95 20.19
CA VAL A 44 -12.71 -18.36 19.86
C VAL A 44 -11.28 -18.85 20.01
N GLU A 45 -11.06 -19.75 20.95
CA GLU A 45 -9.73 -20.27 21.19
C GLU A 45 -9.46 -21.44 20.27
N GLY A 46 -8.43 -21.33 19.46
CA GLY A 46 -8.10 -22.37 18.53
C GLY A 46 -6.81 -22.10 17.77
N ASP A 47 -6.45 -23.05 16.91
CA ASP A 47 -5.22 -23.02 16.14
C ASP A 47 -5.52 -22.86 14.64
N VAL A 48 -4.94 -21.85 14.01
CA VAL A 48 -5.17 -21.61 12.58
C VAL A 48 -4.72 -22.76 11.68
N THR A 49 -3.88 -23.64 12.19
CA THR A 49 -3.41 -24.78 11.41
C THR A 49 -4.42 -25.94 11.44
N ARG A 50 -5.43 -25.83 12.30
CA ARG A 50 -6.45 -26.87 12.42
C ARG A 50 -7.73 -26.42 11.73
N GLU A 51 -8.14 -27.13 10.68
CA GLU A 51 -9.35 -26.75 9.96
C GLU A 51 -10.60 -26.73 10.85
N GLU A 52 -10.68 -27.62 11.83
CA GLU A 52 -11.84 -27.64 12.70
C GLU A 52 -11.95 -26.33 13.49
N ASP A 53 -10.81 -25.81 13.94
CA ASP A 53 -10.79 -24.57 14.72
C ASP A 53 -11.14 -23.36 13.87
N VAL A 54 -10.61 -23.31 12.65
CA VAL A 54 -10.92 -22.19 11.76
C VAL A 54 -12.39 -22.25 11.37
N ARG A 55 -12.89 -23.45 11.09
CA ARG A 55 -14.30 -23.59 10.72
C ARG A 55 -15.21 -23.14 11.86
N ARG A 56 -14.82 -23.41 13.09
CA ARG A 56 -15.63 -23.01 14.24
C ARG A 56 -15.67 -21.49 14.36
N ALA A 57 -14.52 -20.84 14.13
CA ALA A 57 -14.43 -19.39 14.21
C ALA A 57 -15.21 -18.71 13.09
N VAL A 58 -15.12 -19.27 11.87
CA VAL A 58 -15.83 -18.71 10.73
C VAL A 58 -17.35 -18.79 10.98
N ALA A 59 -17.81 -19.94 11.44
CA ALA A 59 -19.23 -20.12 11.73
C ALA A 59 -19.68 -19.18 12.84
N ARG A 60 -18.84 -19.00 13.86
CA ARG A 60 -19.19 -18.11 14.96
C ARG A 60 -19.41 -16.68 14.44
N ALA A 61 -18.54 -16.26 13.52
CA ALA A 61 -18.68 -14.92 12.93
C ALA A 61 -19.97 -14.83 12.13
N GLN A 62 -20.24 -15.86 11.32
CA GLN A 62 -21.45 -15.86 10.51
C GLN A 62 -22.73 -15.86 11.36
N GLU A 63 -22.65 -16.35 12.58
CA GLU A 63 -23.82 -16.34 13.45
C GLU A 63 -24.13 -14.91 13.89
N GLU A 64 -23.10 -14.07 13.92
CA GLU A 64 -23.27 -12.68 14.33
C GLU A 64 -23.82 -11.79 13.21
N ALA A 65 -23.32 -12.01 12.00
CA ALA A 65 -23.72 -11.25 10.82
C ALA A 65 -22.92 -11.78 9.63
N PRO A 66 -23.32 -11.41 8.40
CA PRO A 66 -22.57 -11.90 7.23
C PRO A 66 -21.08 -11.54 7.34
N LEU A 67 -20.23 -12.53 7.14
CA LEU A 67 -18.78 -12.35 7.22
C LEU A 67 -18.23 -11.57 6.04
N PHE A 68 -17.66 -10.40 6.31
CA PHE A 68 -17.13 -9.55 5.25
C PHE A 68 -15.60 -9.38 5.32
N ALA A 69 -15.09 -9.09 6.52
CA ALA A 69 -13.66 -8.86 6.69
C ALA A 69 -12.94 -9.98 7.39
N VAL A 70 -11.88 -10.46 6.77
CA VAL A 70 -11.06 -11.53 7.34
C VAL A 70 -9.64 -11.01 7.37
N VAL A 71 -9.04 -11.02 8.56
CA VAL A 71 -7.67 -10.56 8.74
C VAL A 71 -6.82 -11.67 9.35
N SER A 72 -5.85 -12.17 8.59
CA SER A 72 -4.95 -13.21 9.09
C SER A 72 -3.73 -12.53 9.68
N ALA A 73 -3.65 -12.51 11.00
CA ALA A 73 -2.52 -11.88 11.67
C ALA A 73 -1.85 -12.81 12.67
N ALA A 74 -2.24 -14.09 12.63
CA ALA A 74 -1.66 -15.07 13.53
C ALA A 74 -0.33 -15.51 12.93
N GLY A 75 0.67 -15.66 13.77
CA GLY A 75 1.97 -16.08 13.28
C GLY A 75 2.98 -16.31 14.37
N VAL A 76 4.11 -16.86 13.98
CA VAL A 76 5.20 -17.13 14.91
C VAL A 76 6.50 -16.71 14.26
N GLY A 77 7.51 -16.49 15.09
CA GLY A 77 8.80 -16.08 14.57
C GLY A 77 9.85 -17.12 14.91
N LEU A 78 11.03 -16.96 14.33
CA LEU A 78 12.14 -17.85 14.60
C LEU A 78 13.44 -17.20 14.16
N ALA A 79 14.44 -17.31 15.03
CA ALA A 79 15.78 -16.80 14.74
C ALA A 79 16.66 -18.03 14.86
N GLU A 80 17.05 -18.58 13.71
CA GLU A 80 17.89 -19.78 13.70
C GLU A 80 18.73 -19.83 12.44
N LYS A 81 20.03 -20.01 12.62
CA LYS A 81 20.94 -20.06 11.49
C LYS A 81 20.87 -21.37 10.73
N ILE A 82 21.20 -21.33 9.45
CA ILE A 82 21.21 -22.52 8.62
C ILE A 82 22.31 -23.45 9.15
N LEU A 83 23.43 -22.86 9.53
CA LEU A 83 24.55 -23.64 10.08
C LEU A 83 24.73 -23.26 11.54
N GLY A 84 24.31 -24.14 12.43
CA GLY A 84 24.42 -23.90 13.86
C GLY A 84 25.75 -24.35 14.43
N LYS A 85 25.86 -24.34 15.75
CA LYS A 85 27.10 -24.75 16.40
C LYS A 85 27.24 -26.26 16.54
N GLU A 86 26.11 -26.96 16.60
CA GLU A 86 26.12 -28.42 16.75
C GLU A 86 25.76 -29.12 15.44
N GLY A 87 25.01 -28.43 14.59
CA GLY A 87 24.60 -29.00 13.32
C GLY A 87 23.75 -28.03 12.53
N PRO A 88 23.14 -28.48 11.44
CA PRO A 88 22.31 -27.60 10.62
C PRO A 88 20.96 -27.26 11.26
N HIS A 89 20.35 -26.21 10.74
CA HIS A 89 19.02 -25.74 11.16
C HIS A 89 18.12 -26.96 11.27
N GLY A 90 17.37 -27.05 12.36
CA GLY A 90 16.48 -28.18 12.53
C GLY A 90 15.38 -28.19 11.49
N LEU A 91 14.95 -29.37 11.09
CA LEU A 91 13.90 -29.46 10.09
C LEU A 91 12.52 -29.20 10.70
N GLU A 92 12.31 -29.64 11.93
CA GLU A 92 11.02 -29.45 12.59
C GLU A 92 10.73 -27.98 12.88
N SER A 93 11.74 -27.21 13.28
CA SER A 93 11.51 -25.79 13.56
C SER A 93 11.11 -25.08 12.26
N PHE A 94 11.72 -25.47 11.15
CA PHE A 94 11.41 -24.89 9.85
C PHE A 94 9.97 -25.26 9.50
N ARG A 95 9.62 -26.53 9.65
CA ARG A 95 8.27 -26.98 9.33
C ARG A 95 7.21 -26.26 10.16
N ARG A 96 7.48 -26.05 11.45
CA ARG A 96 6.53 -25.38 12.33
C ARG A 96 6.23 -23.95 11.87
N VAL A 97 7.27 -23.21 11.50
CA VAL A 97 7.09 -21.85 11.04
C VAL A 97 6.24 -21.83 9.76
N LEU A 98 6.51 -22.77 8.85
CA LEU A 98 5.73 -22.85 7.62
C LEU A 98 4.28 -23.21 7.92
N GLU A 99 4.10 -24.15 8.83
CA GLU A 99 2.75 -24.61 9.20
C GLU A 99 1.89 -23.47 9.73
N VAL A 100 2.40 -22.70 10.68
CA VAL A 100 1.61 -21.62 11.26
C VAL A 100 1.45 -20.41 10.36
N ASN A 101 2.57 -19.88 9.85
CA ASN A 101 2.55 -18.68 9.03
C ASN A 101 2.00 -18.83 7.62
N LEU A 102 2.32 -19.93 6.96
CA LEU A 102 1.88 -20.12 5.58
C LEU A 102 0.65 -21.01 5.47
N LEU A 103 0.75 -22.24 5.97
CA LEU A 103 -0.40 -23.13 5.89
C LEU A 103 -1.58 -22.54 6.68
N GLY A 104 -1.31 -21.95 7.83
CA GLY A 104 -2.38 -21.36 8.63
C GLY A 104 -3.09 -20.26 7.84
N THR A 105 -2.33 -19.41 7.16
CA THR A 105 -2.91 -18.34 6.36
C THR A 105 -3.73 -18.91 5.21
N PHE A 106 -3.23 -19.96 4.57
CA PHE A 106 -3.95 -20.59 3.47
C PHE A 106 -5.23 -21.25 3.99
N ASN A 107 -5.12 -21.85 5.17
CA ASN A 107 -6.25 -22.52 5.78
C ASN A 107 -7.38 -21.52 6.05
N VAL A 108 -7.02 -20.37 6.61
CA VAL A 108 -8.01 -19.33 6.89
C VAL A 108 -8.62 -18.81 5.59
N LEU A 109 -7.77 -18.58 4.59
CA LEU A 109 -8.24 -18.06 3.32
C LEU A 109 -9.23 -18.97 2.62
N ARG A 110 -8.89 -20.25 2.47
CA ARG A 110 -9.77 -21.19 1.79
C ARG A 110 -11.10 -21.41 2.51
N LEU A 111 -11.05 -21.50 3.84
CA LEU A 111 -12.26 -21.73 4.63
C LEU A 111 -13.16 -20.51 4.71
N ALA A 112 -12.56 -19.33 4.89
CA ALA A 112 -13.37 -18.11 4.95
C ALA A 112 -13.97 -17.84 3.58
N ALA A 113 -13.17 -17.96 2.53
CA ALA A 113 -13.67 -17.70 1.18
C ALA A 113 -14.83 -18.62 0.83
N TRP A 114 -14.71 -19.91 1.14
CA TRP A 114 -15.79 -20.85 0.83
C TRP A 114 -17.06 -20.44 1.57
N ALA A 115 -16.93 -20.05 2.83
CA ALA A 115 -18.07 -19.65 3.65
C ALA A 115 -18.72 -18.34 3.20
N MET A 116 -17.94 -17.46 2.59
CA MET A 116 -18.43 -16.15 2.14
C MET A 116 -18.92 -16.14 0.70
N ARG A 117 -18.69 -17.23 -0.03
CA ARG A 117 -19.03 -17.28 -1.45
C ARG A 117 -20.47 -16.99 -1.87
N GLU A 118 -21.42 -17.17 -0.96
CA GLU A 118 -22.82 -16.90 -1.30
C GLU A 118 -23.33 -15.63 -0.63
N ASN A 119 -22.42 -14.83 -0.06
CA ASN A 119 -22.80 -13.59 0.59
C ASN A 119 -23.46 -12.64 -0.41
N PRO A 120 -24.52 -11.94 0.01
CA PRO A 120 -25.13 -11.01 -0.95
C PRO A 120 -24.07 -9.92 -1.15
N PRO A 121 -23.74 -9.58 -2.40
CA PRO A 121 -22.72 -8.55 -2.65
C PRO A 121 -23.17 -7.15 -2.23
N ASP A 122 -22.20 -6.29 -1.91
CA ASP A 122 -22.55 -4.92 -1.52
C ASP A 122 -22.66 -4.09 -2.79
N ALA A 123 -22.78 -2.78 -2.63
CA ALA A 123 -22.92 -1.87 -3.77
C ALA A 123 -21.74 -1.93 -4.73
N GLU A 124 -20.59 -2.37 -4.22
CA GLU A 124 -19.38 -2.47 -5.05
C GLU A 124 -19.21 -3.85 -5.67
N GLY A 125 -20.13 -4.76 -5.37
CA GLY A 125 -20.05 -6.10 -5.89
C GLY A 125 -19.18 -7.00 -5.04
N GLN A 126 -18.82 -6.50 -3.86
CA GLN A 126 -17.96 -7.24 -2.94
C GLN A 126 -18.70 -8.15 -1.99
N ARG A 127 -18.23 -9.38 -1.88
CA ARG A 127 -18.81 -10.34 -0.94
C ARG A 127 -17.93 -10.35 0.31
N GLY A 128 -16.69 -9.87 0.17
CA GLY A 128 -15.79 -9.83 1.30
C GLY A 128 -14.37 -9.46 0.91
N VAL A 129 -13.51 -9.33 1.91
CA VAL A 129 -12.12 -8.97 1.69
C VAL A 129 -11.26 -9.75 2.69
N ILE A 130 -10.22 -10.40 2.17
CA ILE A 130 -9.31 -11.17 2.99
C ILE A 130 -7.95 -10.48 2.97
N VAL A 131 -7.49 -10.08 4.16
CA VAL A 131 -6.21 -9.40 4.29
C VAL A 131 -5.23 -10.29 5.04
N ASN A 132 -4.15 -10.65 4.37
CA ASN A 132 -3.14 -11.49 4.99
C ASN A 132 -1.97 -10.64 5.46
N THR A 133 -1.16 -11.20 6.33
CA THR A 133 -0.01 -10.49 6.88
C THR A 133 1.27 -11.24 6.60
N ALA A 134 2.15 -10.62 5.82
CA ALA A 134 3.45 -11.22 5.52
C ALA A 134 4.47 -10.49 6.39
N SER A 135 5.54 -10.02 5.77
CA SER A 135 6.61 -9.30 6.48
C SER A 135 7.62 -8.86 5.46
N VAL A 136 8.35 -7.79 5.76
CA VAL A 136 9.38 -7.33 4.85
C VAL A 136 10.46 -8.41 4.73
N ALA A 137 10.48 -9.34 5.68
CA ALA A 137 11.45 -10.43 5.66
C ALA A 137 11.26 -11.30 4.42
N ALA A 138 10.08 -11.20 3.80
CA ALA A 138 9.80 -11.96 2.58
C ALA A 138 10.64 -11.40 1.43
N PHE A 139 11.13 -10.18 1.62
CA PHE A 139 11.92 -9.50 0.60
C PHE A 139 13.40 -9.31 0.96
N GLU A 140 13.68 -8.96 2.21
CA GLU A 140 15.06 -8.76 2.65
C GLU A 140 15.40 -9.57 3.90
N GLY A 141 15.16 -10.88 3.85
CA GLY A 141 15.44 -11.71 5.01
C GLY A 141 16.85 -11.58 5.54
N GLN A 142 16.98 -11.43 6.85
CA GLN A 142 18.28 -11.30 7.49
C GLN A 142 18.87 -12.65 7.83
N ILE A 143 20.12 -12.65 8.26
CA ILE A 143 20.79 -13.87 8.66
C ILE A 143 19.98 -14.42 9.84
N GLY A 144 19.67 -15.71 9.78
CA GLY A 144 18.90 -16.35 10.84
C GLY A 144 17.39 -16.35 10.61
N GLN A 145 16.95 -15.71 9.53
CA GLN A 145 15.51 -15.63 9.25
C GLN A 145 15.06 -16.46 8.04
N ALA A 146 15.81 -17.50 7.71
CA ALA A 146 15.45 -18.33 6.56
C ALA A 146 14.05 -18.92 6.63
N ALA A 147 13.72 -19.54 7.76
CA ALA A 147 12.40 -20.14 7.93
C ALA A 147 11.28 -19.10 7.87
N TYR A 148 11.44 -18.04 8.66
CA TYR A 148 10.46 -16.97 8.69
C TYR A 148 10.27 -16.34 7.31
N ALA A 149 11.38 -15.99 6.66
CA ALA A 149 11.33 -15.39 5.34
C ALA A 149 10.61 -16.29 4.34
N ALA A 150 10.94 -17.58 4.35
CA ALA A 150 10.32 -18.52 3.43
C ALA A 150 8.82 -18.57 3.64
N SER A 151 8.39 -18.62 4.90
CA SER A 151 6.95 -18.69 5.18
C SER A 151 6.24 -17.44 4.71
N LYS A 152 6.85 -16.27 4.91
CA LYS A 152 6.23 -15.02 4.50
C LYS A 152 6.28 -14.83 2.99
N GLY A 153 7.31 -15.39 2.35
CA GLY A 153 7.41 -15.30 0.90
C GLY A 153 6.27 -16.10 0.29
N GLY A 154 5.88 -17.17 0.96
CA GLY A 154 4.78 -17.99 0.47
C GLY A 154 3.48 -17.21 0.54
N VAL A 155 3.30 -16.46 1.63
CA VAL A 155 2.10 -15.65 1.80
C VAL A 155 2.05 -14.59 0.69
N VAL A 156 3.20 -13.96 0.43
CA VAL A 156 3.27 -12.95 -0.61
C VAL A 156 2.85 -13.52 -1.97
N ALA A 157 3.42 -14.66 -2.34
CA ALA A 157 3.12 -15.30 -3.63
C ALA A 157 1.69 -15.80 -3.76
N LEU A 158 1.04 -16.10 -2.63
CA LEU A 158 -0.33 -16.56 -2.62
C LEU A 158 -1.32 -15.47 -3.02
N THR A 159 -0.96 -14.23 -2.70
CA THR A 159 -1.84 -13.10 -2.95
C THR A 159 -2.48 -13.01 -4.33
N LEU A 160 -1.66 -12.99 -5.38
CA LEU A 160 -2.20 -12.85 -6.73
C LEU A 160 -3.06 -14.01 -7.23
N PRO A 161 -2.55 -15.25 -7.18
CA PRO A 161 -3.42 -16.34 -7.66
C PRO A 161 -4.73 -16.42 -6.90
N ALA A 162 -4.70 -16.05 -5.61
CA ALA A 162 -5.91 -16.08 -4.80
C ALA A 162 -6.86 -14.97 -5.26
N ALA A 163 -6.33 -13.75 -5.40
CA ALA A 163 -7.14 -12.62 -5.84
C ALA A 163 -7.72 -12.86 -7.23
N ARG A 164 -6.92 -13.43 -8.11
CA ARG A 164 -7.37 -13.69 -9.48
C ARG A 164 -8.57 -14.62 -9.51
N GLU A 165 -8.56 -15.67 -8.70
CA GLU A 165 -9.67 -16.60 -8.68
C GLU A 165 -10.87 -16.05 -7.92
N LEU A 166 -10.63 -15.51 -6.73
CA LEU A 166 -11.72 -15.00 -5.92
C LEU A 166 -12.39 -13.76 -6.50
N ALA A 167 -11.76 -13.15 -7.49
CA ALA A 167 -12.33 -11.97 -8.14
C ALA A 167 -13.70 -12.32 -8.71
N GLY A 168 -13.82 -13.55 -9.23
CA GLY A 168 -15.09 -13.99 -9.80
C GLY A 168 -16.19 -14.06 -8.76
N TRP A 169 -15.80 -14.23 -7.50
CA TRP A 169 -16.74 -14.31 -6.39
C TRP A 169 -16.91 -12.97 -5.67
N GLY A 170 -16.22 -11.94 -6.14
CA GLY A 170 -16.32 -10.65 -5.50
C GLY A 170 -15.57 -10.58 -4.18
N ILE A 171 -14.54 -11.40 -4.03
CA ILE A 171 -13.76 -11.41 -2.80
C ILE A 171 -12.34 -10.95 -3.11
N ARG A 172 -11.92 -9.88 -2.45
CA ARG A 172 -10.57 -9.35 -2.65
C ARG A 172 -9.57 -10.01 -1.71
N VAL A 173 -8.31 -10.05 -2.14
CA VAL A 173 -7.24 -10.62 -1.34
C VAL A 173 -6.06 -9.65 -1.42
N VAL A 174 -5.67 -9.12 -0.27
CA VAL A 174 -4.57 -8.18 -0.18
C VAL A 174 -3.65 -8.60 0.96
N THR A 175 -2.37 -8.31 0.81
CA THR A 175 -1.40 -8.67 1.83
C THR A 175 -0.66 -7.44 2.35
N VAL A 176 -0.56 -7.33 3.67
CA VAL A 176 0.18 -6.24 4.29
C VAL A 176 1.50 -6.85 4.72
N ALA A 177 2.61 -6.20 4.39
CA ALA A 177 3.93 -6.68 4.77
C ALA A 177 4.53 -5.70 5.77
N PRO A 178 4.32 -5.94 7.07
CA PRO A 178 4.86 -5.05 8.09
C PRO A 178 6.37 -5.08 8.21
N GLY A 179 6.91 -3.94 8.61
CA GLY A 179 8.34 -3.83 8.85
C GLY A 179 8.51 -4.20 10.32
N LEU A 180 9.23 -3.38 11.07
CA LEU A 180 9.46 -3.68 12.48
C LEU A 180 8.37 -3.16 13.42
N PHE A 181 7.61 -4.09 13.99
CA PHE A 181 6.55 -3.79 14.94
C PHE A 181 6.76 -4.72 16.12
N ASP A 182 5.91 -4.61 17.13
CA ASP A 182 6.01 -5.47 18.31
C ASP A 182 5.31 -6.78 17.94
N THR A 183 6.03 -7.66 17.26
CA THR A 183 5.49 -8.94 16.82
C THR A 183 6.42 -10.09 17.21
N PRO A 184 6.01 -11.34 16.93
CA PRO A 184 6.86 -12.50 17.26
C PRO A 184 8.28 -12.35 16.72
N LEU A 185 8.42 -11.66 15.60
CA LEU A 185 9.73 -11.44 15.00
C LEU A 185 10.64 -10.73 15.98
N LEU A 186 10.17 -9.60 16.49
CA LEU A 186 10.93 -8.79 17.44
C LEU A 186 11.03 -9.47 18.80
N GLN A 187 9.92 -10.05 19.24
CA GLN A 187 9.85 -10.72 20.54
C GLN A 187 10.85 -11.85 20.72
N GLY A 188 11.29 -12.45 19.62
CA GLY A 188 12.26 -13.54 19.71
C GLY A 188 13.70 -13.09 19.72
N LEU A 189 13.93 -11.79 19.85
CA LEU A 189 15.28 -11.24 19.85
C LEU A 189 15.63 -10.54 21.16
N PRO A 190 16.93 -10.47 21.48
CA PRO A 190 17.40 -9.82 22.72
C PRO A 190 17.42 -8.31 22.54
N GLU A 191 17.58 -7.58 23.65
CA GLU A 191 17.61 -6.12 23.61
C GLU A 191 18.61 -5.58 22.59
N LYS A 192 19.86 -6.02 22.71
CA LYS A 192 20.92 -5.61 21.80
C LYS A 192 20.46 -5.66 20.36
N ALA A 193 19.85 -6.77 19.98
CA ALA A 193 19.35 -6.97 18.62
C ALA A 193 18.17 -6.04 18.32
N LYS A 194 17.23 -5.96 19.26
CA LYS A 194 16.06 -5.11 19.09
C LYS A 194 16.44 -3.67 18.80
N ALA A 195 17.46 -3.18 19.51
CA ALA A 195 17.93 -1.81 19.35
C ALA A 195 18.54 -1.57 17.97
N SER A 196 19.46 -2.44 17.57
CA SER A 196 20.12 -2.29 16.27
C SER A 196 19.15 -2.40 15.11
N LEU A 197 18.12 -3.22 15.26
CA LEU A 197 17.14 -3.38 14.19
C LEU A 197 16.31 -2.11 14.06
N ALA A 198 15.84 -1.60 15.19
CA ALA A 198 15.04 -0.39 15.18
C ALA A 198 15.82 0.78 14.61
N ALA A 199 17.13 0.79 14.84
CA ALA A 199 17.98 1.86 14.34
C ALA A 199 18.09 1.91 12.82
N GLN A 200 17.69 0.82 12.16
CA GLN A 200 17.75 0.75 10.70
C GLN A 200 16.55 1.40 10.01
N VAL A 201 15.49 1.67 10.75
CA VAL A 201 14.29 2.27 10.18
C VAL A 201 14.46 3.76 9.89
N PRO A 202 14.38 4.17 8.62
CA PRO A 202 14.54 5.59 8.29
C PRO A 202 13.54 6.54 8.95
N PHE A 203 12.25 6.37 8.67
CA PHE A 203 11.23 7.23 9.26
C PHE A 203 9.85 6.62 9.12
N PRO A 204 9.07 6.57 10.22
CA PRO A 204 9.45 7.06 11.56
C PRO A 204 10.57 6.22 12.15
N PRO A 205 11.55 6.86 12.81
CA PRO A 205 12.67 6.12 13.40
C PRO A 205 12.27 5.44 14.71
N ARG A 206 11.40 4.45 14.59
CA ARG A 206 10.88 3.74 15.75
C ARG A 206 10.13 2.49 15.30
N LEU A 207 9.68 1.71 16.27
CA LEU A 207 8.90 0.52 15.97
C LEU A 207 7.54 1.04 15.52
N GLY A 208 6.89 0.33 14.61
CA GLY A 208 5.58 0.75 14.16
C GLY A 208 4.59 0.55 15.30
N ARG A 209 3.51 1.32 15.28
CA ARG A 209 2.48 1.22 16.30
C ARG A 209 1.41 0.28 15.77
N PRO A 210 0.88 -0.63 16.60
CA PRO A 210 -0.15 -1.55 16.14
C PRO A 210 -1.32 -0.84 15.44
N GLU A 211 -1.66 0.34 15.94
CA GLU A 211 -2.76 1.11 15.38
C GLU A 211 -2.50 1.54 13.94
N GLU A 212 -1.22 1.66 13.56
CA GLU A 212 -0.87 2.04 12.19
C GLU A 212 -1.13 0.87 11.24
N TYR A 213 -0.94 -0.34 11.73
CA TYR A 213 -1.23 -1.52 10.93
C TYR A 213 -2.75 -1.61 10.79
N ALA A 214 -3.47 -1.40 11.89
CA ALA A 214 -4.92 -1.46 11.87
C ALA A 214 -5.51 -0.42 10.91
N ALA A 215 -4.93 0.77 10.90
CA ALA A 215 -5.42 1.83 10.01
C ALA A 215 -5.31 1.41 8.54
N LEU A 216 -4.21 0.78 8.17
CA LEU A 216 -4.04 0.34 6.80
C LEU A 216 -5.04 -0.76 6.47
N VAL A 217 -5.23 -1.69 7.39
CA VAL A 217 -6.18 -2.77 7.16
C VAL A 217 -7.57 -2.18 6.91
N LEU A 218 -7.99 -1.22 7.73
CA LEU A 218 -9.30 -0.62 7.52
C LEU A 218 -9.37 0.14 6.19
N HIS A 219 -8.28 0.77 5.76
CA HIS A 219 -8.33 1.46 4.48
C HIS A 219 -8.49 0.44 3.36
N ILE A 220 -7.80 -0.69 3.47
CA ILE A 220 -7.90 -1.73 2.45
C ILE A 220 -9.37 -2.16 2.33
N LEU A 221 -10.03 -2.33 3.46
CA LEU A 221 -11.44 -2.73 3.44
C LEU A 221 -12.33 -1.69 2.75
N GLU A 222 -11.97 -0.42 2.89
CA GLU A 222 -12.76 0.67 2.29
C GLU A 222 -12.38 1.07 0.87
N ASN A 223 -11.31 0.50 0.33
CA ASN A 223 -10.88 0.86 -1.01
C ASN A 223 -10.95 -0.33 -1.97
N PRO A 224 -12.04 -0.42 -2.76
CA PRO A 224 -12.23 -1.52 -3.71
C PRO A 224 -11.10 -1.76 -4.69
N MET A 225 -10.37 -0.71 -5.06
CA MET A 225 -9.28 -0.87 -6.02
C MET A 225 -8.01 -1.54 -5.50
N LEU A 226 -7.88 -1.69 -4.18
CA LEU A 226 -6.69 -2.36 -3.63
C LEU A 226 -6.96 -3.86 -3.68
N ASN A 227 -6.22 -4.57 -4.53
CA ASN A 227 -6.45 -6.00 -4.70
C ASN A 227 -5.22 -6.68 -5.31
N GLY A 228 -4.94 -7.89 -4.83
CA GLY A 228 -3.84 -8.69 -5.35
C GLY A 228 -2.47 -8.06 -5.18
N GLU A 229 -2.38 -7.12 -4.25
CA GLU A 229 -1.14 -6.39 -3.99
C GLU A 229 -0.60 -6.65 -2.59
N VAL A 230 0.69 -6.42 -2.44
CA VAL A 230 1.37 -6.56 -1.15
C VAL A 230 1.79 -5.13 -0.80
N VAL A 231 1.30 -4.64 0.33
CA VAL A 231 1.62 -3.28 0.77
C VAL A 231 2.62 -3.29 1.91
N ARG A 232 3.80 -2.71 1.67
CA ARG A 232 4.83 -2.63 2.70
C ARG A 232 4.48 -1.50 3.66
N LEU A 233 4.49 -1.81 4.95
CA LEU A 233 4.20 -0.82 5.99
C LEU A 233 5.44 -0.93 6.87
N ASP A 234 6.48 -0.18 6.48
CA ASP A 234 7.76 -0.33 7.15
C ASP A 234 8.65 0.90 7.39
N GLY A 235 8.12 2.10 7.25
CA GLY A 235 8.96 3.27 7.48
C GLY A 235 10.21 3.33 6.60
N ALA A 236 10.11 2.72 5.43
CA ALA A 236 11.21 2.68 4.45
C ALA A 236 12.36 1.76 4.84
N LEU A 237 12.10 0.87 5.80
CA LEU A 237 13.12 -0.08 6.24
C LEU A 237 13.49 -1.10 5.17
N ARG A 238 14.78 -1.40 5.09
CA ARG A 238 15.29 -2.44 4.19
C ARG A 238 16.33 -3.11 5.08
N MET A 239 15.96 -4.26 5.64
CA MET A 239 16.84 -4.97 6.57
C MET A 239 18.18 -5.42 6.00
N ALA A 240 19.25 -5.04 6.70
CA ALA A 240 20.60 -5.41 6.33
C ALA A 240 20.82 -6.85 6.76
N PRO A 241 21.96 -7.46 6.37
CA PRO A 241 22.21 -8.85 6.76
C PRO A 241 22.13 -9.08 8.27
N ARG A 242 22.57 -8.09 9.04
CA ARG A 242 22.54 -8.18 10.50
C ARG A 242 21.94 -6.91 11.08
N MET B 1 -3.42 22.85 13.64
CA MET B 1 -3.19 24.02 12.80
C MET B 1 -3.40 23.70 11.32
N GLU B 2 -3.94 24.69 10.59
CA GLU B 2 -4.16 24.48 9.17
C GLU B 2 -2.83 24.41 8.42
N ARG B 3 -2.79 23.48 7.44
CA ARG B 3 -1.60 23.34 6.61
C ARG B 3 -1.98 23.46 5.13
N SER B 4 -0.97 23.76 4.28
CA SER B 4 -1.27 23.83 2.86
C SER B 4 -0.87 22.56 2.12
N ALA B 5 -1.36 22.42 0.90
CA ALA B 5 -1.05 21.26 0.08
C ALA B 5 -0.83 21.73 -1.35
N LEU B 6 0.04 21.02 -2.06
CA LEU B 6 0.33 21.31 -3.45
C LEU B 6 0.04 20.04 -4.25
N VAL B 7 -0.83 20.17 -5.24
CA VAL B 7 -1.20 19.03 -6.08
C VAL B 7 -0.93 19.38 -7.53
N THR B 8 0.00 18.68 -8.18
CA THR B 8 0.27 18.96 -9.58
C THR B 8 -0.69 18.09 -10.42
N GLY B 9 -1.07 18.60 -11.58
CA GLY B 9 -2.00 17.87 -12.43
C GLY B 9 -3.42 17.94 -11.88
N GLY B 10 -3.64 18.90 -10.99
CA GLY B 10 -4.94 19.04 -10.36
C GLY B 10 -6.12 19.56 -11.15
N ALA B 11 -5.92 19.89 -12.43
CA ALA B 11 -7.02 20.39 -13.23
C ALA B 11 -7.95 19.27 -13.70
N SER B 12 -7.47 18.03 -13.63
CA SER B 12 -8.29 16.91 -14.08
C SER B 12 -7.89 15.56 -13.49
N GLY B 13 -8.72 14.56 -13.75
CA GLY B 13 -8.47 13.21 -13.31
C GLY B 13 -8.03 12.95 -11.88
N LEU B 14 -6.97 12.16 -11.74
CA LEU B 14 -6.43 11.80 -10.44
C LEU B 14 -6.02 12.99 -9.58
N GLY B 15 -5.28 13.92 -10.17
CA GLY B 15 -4.84 15.09 -9.43
C GLY B 15 -6.02 15.89 -8.91
N ARG B 16 -7.03 16.06 -9.76
CA ARG B 16 -8.22 16.81 -9.38
C ARG B 16 -8.89 16.14 -8.18
N ALA B 17 -9.05 14.83 -8.24
CA ALA B 17 -9.67 14.09 -7.15
C ALA B 17 -8.89 14.26 -5.85
N ALA B 18 -7.56 14.18 -5.93
CA ALA B 18 -6.74 14.34 -4.75
C ALA B 18 -6.88 15.75 -4.17
N ALA B 19 -6.85 16.76 -5.05
CA ALA B 19 -6.98 18.14 -4.62
C ALA B 19 -8.31 18.39 -3.90
N LEU B 20 -9.39 17.89 -4.49
CA LEU B 20 -10.72 18.06 -3.89
C LEU B 20 -10.82 17.36 -2.54
N ALA B 21 -10.23 16.16 -2.44
CA ALA B 21 -10.28 15.40 -1.20
C ALA B 21 -9.48 16.11 -0.11
N LEU B 22 -8.32 16.65 -0.46
CA LEU B 22 -7.49 17.35 0.51
C LEU B 22 -8.20 18.61 0.99
N LYS B 23 -8.87 19.30 0.08
CA LYS B 23 -9.59 20.51 0.45
C LYS B 23 -10.67 20.16 1.47
N ALA B 24 -11.40 19.08 1.21
CA ALA B 24 -12.47 18.65 2.11
C ALA B 24 -11.89 18.22 3.45
N ARG B 25 -10.63 17.80 3.44
CA ARG B 25 -9.97 17.35 4.66
C ARG B 25 -9.50 18.53 5.51
N GLY B 26 -9.56 19.73 4.93
CA GLY B 26 -9.15 20.91 5.69
C GLY B 26 -7.87 21.58 5.23
N TYR B 27 -7.24 21.05 4.18
CA TYR B 27 -6.00 21.64 3.68
C TYR B 27 -6.28 22.85 2.81
N ARG B 28 -5.33 23.79 2.82
CA ARG B 28 -5.42 24.98 1.96
C ARG B 28 -4.70 24.48 0.72
N VAL B 29 -5.47 24.12 -0.29
CA VAL B 29 -4.92 23.54 -1.51
C VAL B 29 -4.58 24.42 -2.69
N VAL B 30 -3.38 24.21 -3.22
CA VAL B 30 -2.89 24.92 -4.40
C VAL B 30 -2.63 23.87 -5.47
N VAL B 31 -3.13 24.14 -6.67
CA VAL B 31 -2.96 23.23 -7.80
C VAL B 31 -1.98 23.83 -8.80
N LEU B 32 -1.08 23.01 -9.30
CA LEU B 32 -0.13 23.44 -10.34
C LEU B 32 -0.49 22.56 -11.52
N ASP B 33 -0.89 23.19 -12.62
CA ASP B 33 -1.28 22.45 -13.82
C ASP B 33 -1.12 23.42 -14.99
N LEU B 34 -1.02 22.88 -16.20
CA LEU B 34 -0.88 23.71 -17.39
C LEU B 34 -2.05 24.69 -17.48
N ARG B 35 -3.19 24.31 -16.94
CA ARG B 35 -4.37 25.17 -16.97
C ARG B 35 -5.07 25.21 -15.62
N ARG B 36 -5.85 26.26 -15.40
CA ARG B 36 -6.62 26.40 -14.18
C ARG B 36 -7.97 25.76 -14.46
N GLU B 37 -8.79 25.62 -13.43
CA GLU B 37 -10.12 25.05 -13.59
C GLU B 37 -11.10 25.82 -12.71
N GLY B 38 -12.33 25.31 -12.58
CA GLY B 38 -13.33 26.03 -11.80
C GLY B 38 -13.71 25.52 -10.43
N GLU B 39 -12.89 24.67 -9.84
CA GLU B 39 -13.20 24.15 -8.50
C GLU B 39 -12.80 25.19 -7.45
N ASP B 40 -13.26 24.97 -6.22
CA ASP B 40 -12.92 25.89 -5.14
C ASP B 40 -11.53 25.54 -4.62
N LEU B 41 -10.53 25.83 -5.45
CA LEU B 41 -9.14 25.57 -5.14
C LEU B 41 -8.32 26.75 -5.67
N ILE B 42 -7.07 26.84 -5.23
CA ILE B 42 -6.19 27.91 -5.71
C ILE B 42 -5.39 27.31 -6.85
N TYR B 43 -5.42 27.97 -8.00
CA TYR B 43 -4.73 27.48 -9.18
C TYR B 43 -3.54 28.33 -9.61
N VAL B 44 -2.44 27.64 -9.90
CA VAL B 44 -1.25 28.28 -10.40
C VAL B 44 -1.01 27.60 -11.73
N GLU B 45 -1.02 28.38 -12.82
CA GLU B 45 -0.81 27.82 -14.14
C GLU B 45 0.67 27.73 -14.42
N GLY B 46 1.11 26.54 -14.79
CA GLY B 46 2.51 26.35 -15.06
C GLY B 46 2.88 24.94 -15.45
N ASP B 47 4.17 24.75 -15.61
CA ASP B 47 4.78 23.50 -16.06
C ASP B 47 5.66 22.90 -14.97
N VAL B 48 5.40 21.65 -14.60
CA VAL B 48 6.19 20.99 -13.56
C VAL B 48 7.67 20.83 -13.92
N THR B 49 8.00 20.97 -15.21
CA THR B 49 9.39 20.84 -15.63
C THR B 49 10.13 22.17 -15.51
N ARG B 50 9.41 23.23 -15.17
CA ARG B 50 10.00 24.56 -15.04
C ARG B 50 10.19 24.98 -13.59
N GLU B 51 11.43 25.18 -13.20
CA GLU B 51 11.76 25.58 -11.83
C GLU B 51 10.94 26.79 -11.39
N GLU B 52 10.87 27.81 -12.25
CA GLU B 52 10.13 29.03 -11.95
C GLU B 52 8.66 28.79 -11.61
N ASP B 53 8.01 27.91 -12.36
CA ASP B 53 6.60 27.61 -12.13
C ASP B 53 6.37 26.83 -10.84
N VAL B 54 7.22 25.85 -10.57
CA VAL B 54 7.08 25.06 -9.36
C VAL B 54 7.33 25.94 -8.14
N ARG B 55 8.35 26.80 -8.22
CA ARG B 55 8.65 27.69 -7.10
C ARG B 55 7.48 28.62 -6.84
N ARG B 56 6.84 29.09 -7.91
CA ARG B 56 5.69 29.98 -7.78
C ARG B 56 4.55 29.27 -7.06
N ALA B 57 4.31 28.00 -7.41
CA ALA B 57 3.24 27.23 -6.80
C ALA B 57 3.54 26.92 -5.34
N VAL B 58 4.79 26.58 -5.05
CA VAL B 58 5.19 26.28 -3.67
C VAL B 58 5.01 27.52 -2.80
N ALA B 59 5.46 28.66 -3.32
CA ALA B 59 5.34 29.92 -2.60
C ALA B 59 3.88 30.28 -2.36
N ARG B 60 3.03 30.03 -3.36
CA ARG B 60 1.61 30.35 -3.24
C ARG B 60 0.98 29.50 -2.13
N ALA B 61 1.43 28.26 -1.99
CA ALA B 61 0.89 27.38 -0.97
C ALA B 61 1.31 27.87 0.41
N GLN B 62 2.59 28.22 0.57
CA GLN B 62 3.11 28.71 1.84
C GLN B 62 2.46 30.02 2.25
N GLU B 63 1.89 30.72 1.27
CA GLU B 63 1.21 31.99 1.51
C GLU B 63 -0.04 31.71 2.35
N GLU B 64 -0.63 30.54 2.13
CA GLU B 64 -1.83 30.13 2.85
C GLU B 64 -1.52 29.58 4.23
N ALA B 65 -0.58 28.63 4.27
CA ALA B 65 -0.18 28.00 5.52
C ALA B 65 1.06 27.16 5.25
N PRO B 66 1.72 26.68 6.32
CA PRO B 66 2.93 25.85 6.11
C PRO B 66 2.61 24.64 5.24
N LEU B 67 3.43 24.43 4.22
CA LEU B 67 3.23 23.32 3.30
C LEU B 67 3.50 21.97 3.97
N PHE B 68 2.57 21.03 3.80
CA PHE B 68 2.71 19.71 4.39
C PHE B 68 2.52 18.57 3.39
N ALA B 69 1.46 18.63 2.60
CA ALA B 69 1.19 17.58 1.63
C ALA B 69 1.48 18.00 0.21
N VAL B 70 2.22 17.14 -0.50
CA VAL B 70 2.56 17.39 -1.90
C VAL B 70 2.18 16.14 -2.67
N VAL B 71 1.42 16.31 -3.74
CA VAL B 71 1.00 15.19 -4.55
C VAL B 71 1.32 15.47 -6.02
N SER B 72 2.22 14.67 -6.58
CA SER B 72 2.59 14.82 -7.99
C SER B 72 1.72 13.91 -8.83
N ALA B 73 0.75 14.51 -9.52
CA ALA B 73 -0.16 13.75 -10.37
C ALA B 73 -0.18 14.27 -11.80
N ALA B 74 0.73 15.19 -12.11
CA ALA B 74 0.83 15.74 -13.45
C ALA B 74 1.57 14.73 -14.32
N GLY B 75 1.09 14.53 -15.54
CA GLY B 75 1.73 13.58 -16.42
C GLY B 75 1.11 13.53 -17.81
N VAL B 76 1.83 12.90 -18.72
CA VAL B 76 1.36 12.74 -20.09
C VAL B 76 1.53 11.27 -20.47
N GLY B 77 0.72 10.83 -21.42
CA GLY B 77 0.81 9.47 -21.87
C GLY B 77 1.33 9.41 -23.29
N LEU B 78 1.60 8.20 -23.76
CA LEU B 78 2.09 8.01 -25.12
C LEU B 78 1.99 6.54 -25.51
N ALA B 79 1.50 6.30 -26.71
CA ALA B 79 1.40 4.95 -27.24
C ALA B 79 2.20 5.02 -28.53
N GLU B 80 3.39 4.42 -28.52
CA GLU B 80 4.25 4.45 -29.68
C GLU B 80 5.19 3.25 -29.68
N LYS B 81 5.19 2.49 -30.76
CA LYS B 81 6.03 1.31 -30.85
C LYS B 81 7.48 1.69 -31.05
N ILE B 82 8.37 0.81 -30.60
CA ILE B 82 9.80 1.02 -30.76
C ILE B 82 10.10 1.00 -32.26
N LEU B 83 9.45 0.10 -32.99
CA LEU B 83 9.64 0.01 -34.44
C LEU B 83 8.34 0.36 -35.13
N GLY B 84 8.31 1.54 -35.76
CA GLY B 84 7.12 2.00 -36.46
C GLY B 84 7.12 1.54 -37.91
N LYS B 85 6.17 2.06 -38.69
CA LYS B 85 6.07 1.67 -40.09
C LYS B 85 7.13 2.33 -40.97
N GLU B 86 7.51 3.56 -40.62
CA GLU B 86 8.51 4.31 -41.38
C GLU B 86 9.86 4.45 -40.69
N GLY B 87 9.93 4.11 -39.41
CA GLY B 87 11.18 4.22 -38.70
C GLY B 87 11.02 3.93 -37.23
N PRO B 88 12.10 4.10 -36.44
CA PRO B 88 12.02 3.84 -35.01
C PRO B 88 11.26 4.91 -34.24
N HIS B 89 10.89 4.55 -33.01
CA HIS B 89 10.21 5.44 -32.07
C HIS B 89 11.01 6.75 -32.09
N GLY B 90 10.31 7.88 -32.14
CA GLY B 90 11.01 9.16 -32.17
C GLY B 90 11.75 9.40 -30.86
N LEU B 91 12.87 10.12 -30.92
CA LEU B 91 13.63 10.39 -29.70
C LEU B 91 13.01 11.52 -28.89
N GLU B 92 12.47 12.52 -29.58
CA GLU B 92 11.87 13.66 -28.89
C GLU B 92 10.60 13.28 -28.12
N SER B 93 9.79 12.39 -28.68
CA SER B 93 8.57 11.98 -28.01
C SER B 93 8.94 11.26 -26.71
N PHE B 94 10.01 10.46 -26.76
CA PHE B 94 10.49 9.74 -25.59
C PHE B 94 10.96 10.75 -24.56
N ARG B 95 11.79 11.70 -24.99
CA ARG B 95 12.32 12.72 -24.10
C ARG B 95 11.23 13.52 -23.41
N ARG B 96 10.18 13.89 -24.15
CA ARG B 96 9.09 14.67 -23.58
C ARG B 96 8.40 13.93 -22.44
N VAL B 97 8.12 12.64 -22.66
CA VAL B 97 7.47 11.83 -21.64
C VAL B 97 8.36 11.75 -20.40
N LEU B 98 9.65 11.56 -20.60
CA LEU B 98 10.58 11.48 -19.47
C LEU B 98 10.61 12.81 -18.74
N GLU B 99 10.69 13.89 -19.50
CA GLU B 99 10.75 15.23 -18.92
C GLU B 99 9.57 15.54 -18.00
N VAL B 100 8.36 15.34 -18.51
CA VAL B 100 7.17 15.63 -17.72
C VAL B 100 6.93 14.66 -16.57
N ASN B 101 6.88 13.37 -16.89
CA ASN B 101 6.59 12.36 -15.88
C ASN B 101 7.66 12.09 -14.84
N LEU B 102 8.93 12.10 -15.26
CA LEU B 102 10.01 11.82 -14.33
C LEU B 102 10.71 13.07 -13.82
N LEU B 103 11.27 13.86 -14.73
CA LEU B 103 11.95 15.07 -14.29
C LEU B 103 10.99 16.01 -13.59
N GLY B 104 9.76 16.12 -14.08
CA GLY B 104 8.78 17.00 -13.46
C GLY B 104 8.51 16.59 -12.03
N THR B 105 8.39 15.28 -11.80
CA THR B 105 8.14 14.75 -10.47
C THR B 105 9.33 15.04 -9.57
N PHE B 106 10.54 14.89 -10.11
CA PHE B 106 11.74 15.17 -9.33
C PHE B 106 11.85 16.66 -9.01
N ASN B 107 11.49 17.49 -9.98
CA ASN B 107 11.56 18.94 -9.82
C ASN B 107 10.64 19.37 -8.68
N VAL B 108 9.42 18.82 -8.67
CA VAL B 108 8.47 19.14 -7.63
C VAL B 108 8.95 18.61 -6.28
N LEU B 109 9.50 17.40 -6.27
CA LEU B 109 9.99 16.79 -5.04
C LEU B 109 11.13 17.59 -4.41
N ARG B 110 12.13 17.97 -5.20
CA ARG B 110 13.27 18.69 -4.65
C ARG B 110 12.90 20.08 -4.13
N LEU B 111 12.04 20.79 -4.85
CA LEU B 111 11.66 22.14 -4.43
C LEU B 111 10.71 22.12 -3.24
N ALA B 112 9.77 21.17 -3.23
CA ALA B 112 8.82 21.08 -2.11
C ALA B 112 9.57 20.65 -0.85
N ALA B 113 10.46 19.67 -0.98
CA ALA B 113 11.23 19.19 0.17
C ALA B 113 12.06 20.32 0.77
N TRP B 114 12.70 21.11 -0.09
CA TRP B 114 13.52 22.21 0.40
C TRP B 114 12.65 23.20 1.17
N ALA B 115 11.47 23.48 0.63
CA ALA B 115 10.54 24.42 1.26
C ALA B 115 9.99 23.95 2.60
N MET B 116 9.91 22.63 2.79
CA MET B 116 9.37 22.09 4.04
C MET B 116 10.44 21.70 5.06
N ARG B 117 11.70 21.72 4.65
CA ARG B 117 12.78 21.29 5.51
C ARG B 117 12.91 21.98 6.87
N GLU B 118 12.35 23.17 7.01
CA GLU B 118 12.43 23.87 8.28
C GLU B 118 11.09 24.02 8.99
N ASN B 119 10.07 23.30 8.52
CA ASN B 119 8.76 23.33 9.16
C ASN B 119 8.89 22.72 10.56
N PRO B 120 8.15 23.24 11.54
CA PRO B 120 8.25 22.65 12.88
C PRO B 120 7.57 21.28 12.75
N PRO B 121 8.23 20.20 13.22
CA PRO B 121 7.62 18.87 13.12
C PRO B 121 6.24 18.76 13.78
N ASP B 122 5.35 17.95 13.21
CA ASP B 122 4.04 17.75 13.81
C ASP B 122 4.18 16.71 14.92
N ALA B 123 3.06 16.31 15.51
CA ALA B 123 3.10 15.34 16.61
C ALA B 123 3.76 14.01 16.23
N GLU B 124 3.76 13.71 14.94
CA GLU B 124 4.36 12.46 14.46
C GLU B 124 5.80 12.66 14.01
N GLY B 125 6.33 13.87 14.21
CA GLY B 125 7.70 14.17 13.82
C GLY B 125 7.83 14.48 12.33
N GLN B 126 6.70 14.69 11.67
CA GLN B 126 6.66 14.96 10.25
C GLN B 126 6.71 16.43 9.86
N ARG B 127 7.55 16.75 8.88
CA ARG B 127 7.64 18.12 8.38
C ARG B 127 6.85 18.16 7.08
N GLY B 128 6.58 16.98 6.50
CA GLY B 128 5.83 16.93 5.27
C GLY B 128 5.77 15.53 4.66
N VAL B 129 4.92 15.36 3.66
CA VAL B 129 4.77 14.07 2.98
C VAL B 129 4.61 14.33 1.49
N ILE B 130 5.43 13.66 0.69
CA ILE B 130 5.40 13.81 -0.76
C ILE B 130 4.92 12.49 -1.37
N VAL B 131 3.82 12.55 -2.10
CA VAL B 131 3.24 11.37 -2.74
C VAL B 131 3.36 11.51 -4.26
N ASN B 132 4.09 10.60 -4.88
CA ASN B 132 4.28 10.62 -6.32
C ASN B 132 3.36 9.61 -6.98
N THR B 133 3.15 9.78 -8.28
CA THR B 133 2.29 8.87 -9.02
C THR B 133 3.06 8.21 -10.15
N ALA B 134 3.15 6.89 -10.08
CA ALA B 134 3.82 6.14 -11.12
C ALA B 134 2.70 5.50 -11.95
N SER B 135 2.78 4.19 -12.15
CA SER B 135 1.79 3.45 -12.91
C SER B 135 2.22 2.00 -12.90
N VAL B 136 1.25 1.10 -13.05
CA VAL B 136 1.60 -0.30 -13.09
C VAL B 136 2.43 -0.58 -14.35
N ALA B 137 2.43 0.37 -15.29
CA ALA B 137 3.23 0.21 -16.51
C ALA B 137 4.71 0.13 -16.15
N ALA B 138 5.08 0.62 -14.98
CA ALA B 138 6.46 0.56 -14.54
C ALA B 138 6.89 -0.89 -14.29
N PHE B 139 5.89 -1.75 -14.09
CA PHE B 139 6.14 -3.17 -13.81
C PHE B 139 5.78 -4.12 -14.94
N GLU B 140 4.69 -3.85 -15.65
CA GLU B 140 4.26 -4.72 -16.75
C GLU B 140 3.95 -3.93 -18.02
N GLY B 141 4.89 -3.12 -18.48
CA GLY B 141 4.65 -2.32 -19.67
C GLY B 141 4.19 -3.10 -20.88
N GLN B 142 3.15 -2.61 -21.54
CA GLN B 142 2.61 -3.26 -22.73
C GLN B 142 3.35 -2.80 -23.98
N ILE B 143 3.09 -3.51 -25.08
CA ILE B 143 3.69 -3.15 -26.34
C ILE B 143 3.23 -1.73 -26.64
N GLY B 144 4.17 -0.86 -27.01
CA GLY B 144 3.86 0.52 -27.31
C GLY B 144 3.97 1.47 -26.13
N GLN B 145 4.25 0.94 -24.95
CA GLN B 145 4.36 1.78 -23.76
C GLN B 145 5.77 1.90 -23.20
N ALA B 146 6.78 1.76 -24.06
CA ALA B 146 8.16 1.83 -23.61
C ALA B 146 8.52 3.17 -22.96
N ALA B 147 8.15 4.27 -23.60
CA ALA B 147 8.48 5.59 -23.07
C ALA B 147 7.76 5.84 -21.74
N TYR B 148 6.46 5.57 -21.72
CA TYR B 148 5.67 5.77 -20.52
C TYR B 148 6.20 4.88 -19.38
N ALA B 149 6.42 3.61 -19.68
CA ALA B 149 6.92 2.67 -18.69
C ALA B 149 8.25 3.13 -18.11
N ALA B 150 9.16 3.54 -18.98
CA ALA B 150 10.46 4.00 -18.54
C ALA B 150 10.34 5.19 -17.59
N SER B 151 9.49 6.15 -17.94
CA SER B 151 9.33 7.32 -17.11
C SER B 151 8.77 6.96 -15.74
N LYS B 152 7.82 6.03 -15.70
CA LYS B 152 7.22 5.64 -14.44
C LYS B 152 8.15 4.73 -13.62
N GLY B 153 8.99 3.97 -14.30
CA GLY B 153 9.95 3.12 -13.60
C GLY B 153 10.95 4.01 -12.89
N GLY B 154 11.22 5.18 -13.47
CA GLY B 154 12.13 6.11 -12.84
C GLY B 154 11.49 6.65 -11.58
N VAL B 155 10.20 6.93 -11.63
CA VAL B 155 9.49 7.45 -10.46
C VAL B 155 9.51 6.39 -9.36
N VAL B 156 9.29 5.14 -9.73
CA VAL B 156 9.31 4.06 -8.75
C VAL B 156 10.67 3.97 -8.06
N ALA B 157 11.75 3.97 -8.85
CA ALA B 157 13.11 3.86 -8.30
C ALA B 157 13.55 5.05 -7.46
N LEU B 158 12.95 6.21 -7.70
CA LEU B 158 13.29 7.42 -6.97
C LEU B 158 12.79 7.37 -5.52
N THR B 159 11.69 6.66 -5.31
CA THR B 159 11.05 6.59 -4.00
C THR B 159 11.96 6.30 -2.81
N LEU B 160 12.68 5.19 -2.86
CA LEU B 160 13.52 4.81 -1.75
C LEU B 160 14.69 5.74 -1.43
N PRO B 161 15.54 6.06 -2.43
CA PRO B 161 16.65 6.96 -2.09
C PRO B 161 16.19 8.33 -1.59
N ALA B 162 15.03 8.77 -2.06
CA ALA B 162 14.49 10.05 -1.62
C ALA B 162 13.99 9.92 -0.18
N ALA B 163 13.24 8.85 0.09
CA ALA B 163 12.72 8.63 1.44
C ALA B 163 13.86 8.44 2.44
N ARG B 164 14.90 7.72 2.03
CA ARG B 164 16.03 7.47 2.91
C ARG B 164 16.71 8.75 3.37
N GLU B 165 16.91 9.69 2.44
CA GLU B 165 17.56 10.95 2.78
C GLU B 165 16.62 11.88 3.54
N LEU B 166 15.40 12.02 3.04
CA LEU B 166 14.46 12.93 3.65
C LEU B 166 13.97 12.47 5.02
N ALA B 167 14.23 11.22 5.36
CA ALA B 167 13.83 10.68 6.65
C ALA B 167 14.46 11.53 7.76
N GLY B 168 15.70 11.96 7.53
CA GLY B 168 16.40 12.77 8.51
C GLY B 168 15.76 14.12 8.74
N TRP B 169 14.92 14.54 7.80
CA TRP B 169 14.22 15.81 7.90
C TRP B 169 12.76 15.63 8.28
N GLY B 170 12.34 14.37 8.47
CA GLY B 170 10.96 14.11 8.82
C GLY B 170 10.02 14.27 7.64
N ILE B 171 10.52 14.04 6.43
CA ILE B 171 9.69 14.15 5.23
C ILE B 171 9.59 12.79 4.57
N ARG B 172 8.36 12.30 4.42
CA ARG B 172 8.13 11.00 3.80
C ARG B 172 7.96 11.10 2.30
N VAL B 173 8.27 10.01 1.60
CA VAL B 173 8.11 9.94 0.15
C VAL B 173 7.50 8.58 -0.15
N VAL B 174 6.33 8.60 -0.77
CA VAL B 174 5.60 7.39 -1.11
C VAL B 174 5.10 7.51 -2.54
N THR B 175 4.97 6.37 -3.22
CA THR B 175 4.50 6.37 -4.60
C THR B 175 3.28 5.48 -4.78
N VAL B 176 2.29 6.01 -5.49
CA VAL B 176 1.08 5.25 -5.80
C VAL B 176 1.22 4.85 -7.27
N ALA B 177 0.99 3.57 -7.57
CA ALA B 177 1.09 3.07 -8.94
C ALA B 177 -0.32 2.66 -9.37
N PRO B 178 -1.04 3.59 -10.01
CA PRO B 178 -2.41 3.27 -10.45
C PRO B 178 -2.47 2.30 -11.62
N GLY B 179 -3.58 1.56 -11.67
CA GLY B 179 -3.82 0.65 -12.76
C GLY B 179 -4.67 1.44 -13.75
N LEU B 180 -5.77 0.86 -14.19
CA LEU B 180 -6.65 1.51 -15.15
C LEU B 180 -7.72 2.38 -14.48
N PHE B 181 -7.63 3.69 -14.67
CA PHE B 181 -8.59 4.61 -14.09
C PHE B 181 -9.37 5.41 -15.12
N ASP B 182 -10.57 5.84 -14.74
CA ASP B 182 -11.42 6.63 -15.63
C ASP B 182 -10.91 8.06 -15.66
N THR B 183 -9.93 8.30 -16.53
CA THR B 183 -9.33 9.61 -16.71
C THR B 183 -9.43 10.04 -18.17
N PRO B 184 -9.44 11.37 -18.37
CA PRO B 184 -9.61 11.94 -19.69
C PRO B 184 -8.64 11.33 -20.70
N LEU B 185 -7.54 10.77 -20.18
CA LEU B 185 -6.55 10.14 -21.05
C LEU B 185 -7.20 9.14 -22.00
N PRO B 190 -7.78 4.36 -28.66
CA PRO B 190 -8.51 3.35 -29.44
C PRO B 190 -9.40 2.48 -28.56
N GLU B 191 -10.66 2.34 -28.96
CA GLU B 191 -11.61 1.53 -28.20
C GLU B 191 -11.16 0.08 -28.10
N LYS B 192 -10.57 -0.43 -29.18
CA LYS B 192 -10.09 -1.80 -29.22
C LYS B 192 -9.13 -2.10 -28.08
N ALA B 193 -8.15 -1.22 -27.90
CA ALA B 193 -7.14 -1.39 -26.85
C ALA B 193 -7.72 -1.19 -25.45
N LYS B 194 -8.56 -0.17 -25.30
CA LYS B 194 -9.17 0.11 -24.00
C LYS B 194 -10.04 -1.06 -23.54
N ALA B 195 -10.74 -1.69 -24.47
CA ALA B 195 -11.58 -2.83 -24.16
C ALA B 195 -10.74 -4.02 -23.72
N SER B 196 -9.64 -4.26 -24.43
CA SER B 196 -8.76 -5.37 -24.09
C SER B 196 -8.19 -5.18 -22.68
N LEU B 197 -7.82 -3.95 -22.35
CA LEU B 197 -7.27 -3.65 -21.04
C LEU B 197 -8.30 -3.82 -19.93
N ALA B 198 -9.49 -3.25 -20.15
CA ALA B 198 -10.57 -3.33 -19.16
C ALA B 198 -10.90 -4.77 -18.80
N ALA B 199 -10.94 -5.63 -19.81
CA ALA B 199 -11.25 -7.04 -19.62
C ALA B 199 -10.18 -7.80 -18.81
N GLN B 200 -9.04 -7.18 -18.59
CA GLN B 200 -7.96 -7.83 -17.85
C GLN B 200 -7.98 -7.58 -16.35
N VAL B 201 -8.79 -6.63 -15.89
CA VAL B 201 -8.86 -6.32 -14.47
C VAL B 201 -9.72 -7.33 -13.72
N PRO B 202 -9.12 -8.11 -12.81
CA PRO B 202 -9.88 -9.11 -12.05
C PRO B 202 -11.05 -8.55 -11.22
N PHE B 203 -10.74 -7.68 -10.26
CA PHE B 203 -11.79 -7.09 -9.43
C PHE B 203 -11.31 -5.84 -8.73
N PRO B 204 -12.11 -4.76 -8.78
CA PRO B 204 -13.40 -4.69 -9.46
C PRO B 204 -13.24 -4.69 -10.97
N PRO B 205 -14.14 -5.38 -11.69
CA PRO B 205 -14.09 -5.45 -13.15
C PRO B 205 -14.60 -4.18 -13.82
N ARG B 206 -13.91 -3.08 -13.54
CA ARG B 206 -14.29 -1.77 -14.08
C ARG B 206 -13.10 -0.83 -13.99
N LEU B 207 -13.28 0.38 -14.49
CA LEU B 207 -12.22 1.38 -14.43
C LEU B 207 -12.21 1.92 -13.00
N GLY B 208 -11.03 2.28 -12.52
CA GLY B 208 -10.95 2.82 -11.18
C GLY B 208 -11.52 4.22 -11.16
N ARG B 209 -12.07 4.63 -10.01
CA ARG B 209 -12.64 5.96 -9.89
C ARG B 209 -11.57 6.87 -9.29
N PRO B 210 -11.42 8.10 -9.82
CA PRO B 210 -10.42 9.01 -9.29
C PRO B 210 -10.50 9.15 -7.77
N GLU B 211 -11.71 9.09 -7.23
CA GLU B 211 -11.91 9.21 -5.78
C GLU B 211 -11.22 8.09 -5.00
N GLU B 212 -11.06 6.94 -5.63
CA GLU B 212 -10.40 5.81 -4.97
C GLU B 212 -8.89 6.07 -4.88
N TYR B 213 -8.35 6.75 -5.88
CA TYR B 213 -6.94 7.12 -5.85
C TYR B 213 -6.77 8.17 -4.75
N ALA B 214 -7.67 9.15 -4.72
CA ALA B 214 -7.61 10.19 -3.70
C ALA B 214 -7.70 9.61 -2.29
N ALA B 215 -8.55 8.60 -2.13
CA ALA B 215 -8.70 7.98 -0.82
C ALA B 215 -7.38 7.37 -0.35
N LEU B 216 -6.66 6.71 -1.26
CA LEU B 216 -5.38 6.11 -0.90
C LEU B 216 -4.36 7.21 -0.56
N VAL B 217 -4.36 8.29 -1.34
CA VAL B 217 -3.43 9.38 -1.08
C VAL B 217 -3.67 9.93 0.33
N LEU B 218 -4.93 10.16 0.68
CA LEU B 218 -5.23 10.68 2.01
C LEU B 218 -4.83 9.71 3.11
N HIS B 219 -4.95 8.41 2.86
CA HIS B 219 -4.55 7.50 3.93
C HIS B 219 -3.03 7.50 4.07
N ILE B 220 -2.29 7.64 2.98
CA ILE B 220 -0.84 7.72 3.07
C ILE B 220 -0.47 8.91 3.93
N LEU B 221 -1.16 10.04 3.73
CA LEU B 221 -0.87 11.23 4.51
C LEU B 221 -1.13 11.00 6.00
N GLU B 222 -2.13 10.20 6.33
CA GLU B 222 -2.48 9.93 7.72
C GLU B 222 -1.78 8.74 8.38
N ASN B 223 -1.00 7.98 7.61
CA ASN B 223 -0.32 6.81 8.18
C ASN B 223 1.19 6.99 8.12
N PRO B 224 1.80 7.42 9.23
CA PRO B 224 3.26 7.64 9.29
C PRO B 224 4.15 6.48 8.85
N MET B 225 3.69 5.25 9.02
CA MET B 225 4.51 4.10 8.65
C MET B 225 4.63 3.81 7.16
N LEU B 226 3.77 4.39 6.34
CA LEU B 226 3.87 4.19 4.90
C LEU B 226 4.97 5.12 4.41
N ASN B 227 6.09 4.54 3.99
CA ASN B 227 7.21 5.35 3.54
C ASN B 227 8.16 4.56 2.66
N GLY B 228 8.69 5.21 1.62
CA GLY B 228 9.62 4.59 0.69
C GLY B 228 9.09 3.40 -0.06
N GLU B 229 7.77 3.30 -0.15
CA GLU B 229 7.09 2.20 -0.81
C GLU B 229 6.27 2.64 -2.01
N VAL B 230 5.98 1.68 -2.88
CA VAL B 230 5.16 1.89 -4.07
C VAL B 230 3.92 1.04 -3.83
N VAL B 231 2.75 1.67 -3.81
CA VAL B 231 1.50 0.97 -3.59
C VAL B 231 0.71 0.84 -4.89
N ARG B 232 0.50 -0.40 -5.34
CA ARG B 232 -0.27 -0.64 -6.55
C ARG B 232 -1.75 -0.51 -6.24
N LEU B 233 -2.45 0.28 -7.05
CA LEU B 233 -3.90 0.48 -6.88
C LEU B 233 -4.42 0.10 -8.26
N ASP B 234 -4.69 -1.19 -8.44
CA ASP B 234 -5.06 -1.68 -9.75
C ASP B 234 -6.08 -2.81 -9.90
N GLY B 235 -6.80 -3.15 -8.84
CA GLY B 235 -7.77 -4.22 -8.96
C GLY B 235 -7.18 -5.57 -9.36
N ALA B 236 -5.91 -5.76 -9.03
CA ALA B 236 -5.17 -7.00 -9.32
C ALA B 236 -4.77 -7.17 -10.78
N LEU B 237 -4.84 -6.09 -11.54
CA LEU B 237 -4.45 -6.11 -12.94
C LEU B 237 -2.96 -6.35 -13.14
N ARG B 238 -2.64 -7.15 -14.14
CA ARG B 238 -1.26 -7.41 -14.53
C ARG B 238 -1.37 -7.35 -16.06
N MET B 239 -0.96 -6.22 -16.62
CA MET B 239 -1.09 -6.02 -18.06
C MET B 239 -0.33 -6.99 -18.93
N ALA B 240 -1.05 -7.58 -19.88
CA ALA B 240 -0.47 -8.53 -20.83
C ALA B 240 0.16 -7.69 -21.95
N PRO B 241 0.88 -8.34 -22.87
CA PRO B 241 1.51 -7.58 -23.97
C PRO B 241 0.54 -6.70 -24.74
N ARG B 242 -0.66 -7.22 -24.96
CA ARG B 242 -1.71 -6.49 -25.68
C ARG B 242 -3.03 -6.58 -24.92
#